data_1A65
#
_entry.id   1A65
#
_cell.length_a   45.390
_cell.length_b   85.720
_cell.length_c   143.070
_cell.angle_alpha   90.00
_cell.angle_beta   90.00
_cell.angle_gamma   90.00
#
_symmetry.space_group_name_H-M   'P 21 21 21'
#
loop_
_entity.id
_entity.type
_entity.pdbx_description
1 polymer LACCASE
2 non-polymer 2-acetamido-2-deoxy-beta-D-glucopyranose
3 non-polymer TETRAHYDROPYRAN
4 non-polymer 'COPPER (II) ION'
5 non-polymer 'OXYGEN ATOM'
6 water water
#
_entity_poly.entity_id   1
_entity_poly.type   'polypeptide(L)'
_entity_poly.pdbx_seq_one_letter_code
;QIVNSVDTMTLTNANVSPDGFTRAGILVNGVHGPLIRGGKNDNFELNVVNDLDNPTMLRPTSIHWHGLFQRGTNWADGAD
GVNQCPISPGHAFLYKFTPAGHAGTFWYHSHFGTQYCDGLRGPMVIYDDNDPHAALYDEDDENTIITLADWYHIPAPSIQ
GAAQPDATLINGKGRYVGGPAAELSIVNVEQGKKYRMRLISLSCDPNWQFSIDGHELTIIEVDGELTEPHTVDRLQIFTG
QRYSFVLDANQPVDNYWIRAQPNKGRNGLAGTFANGVNSAILRYAGAANADPTTSANPNPAQLNEADLHALIDPAAPGIP
TPGAADVNLRFQLGFSGGRFTINGTAYESPSVPTLLQIMSGAQSANDLLPAGSVYELPRNQVVELVVPAGVLGGPHPFHL
HGHAFSVVRSAGSSTYNFVNPVKRDVVSLGVTGDEVTIRFVTDNPGPWFFHCHIEFHLMNGLAIVFAEDMANTVDANNPP
VEWAQLCEIYDDLPPEATSIQTVV
;
_entity_poly.pdbx_strand_id   A
#
loop_
_chem_comp.id
_chem_comp.type
_chem_comp.name
_chem_comp.formula
CU non-polymer 'COPPER (II) ION' 'Cu 2'
NAG D-saccharide, beta linking 2-acetamido-2-deoxy-beta-D-glucopyranose 'C8 H15 N O6'
O non-polymer 'OXYGEN ATOM' O
PYE non-polymer TETRAHYDROPYRAN 'C5 H10 O'
#
# COMPACT_ATOMS: atom_id res chain seq x y z
N GLN A 1 13.75 0.40 14.80
CA GLN A 1 13.21 -0.54 15.85
C GLN A 1 12.16 -1.46 15.22
N ILE A 2 11.95 -2.62 15.85
CA ILE A 2 11.17 -3.67 15.22
C ILE A 2 9.98 -4.15 16.04
N VAL A 3 8.86 -4.41 15.39
CA VAL A 3 7.70 -4.94 16.09
C VAL A 3 7.55 -6.41 15.69
N ASN A 4 7.36 -7.28 16.68
CA ASN A 4 7.27 -8.71 16.45
C ASN A 4 5.84 -9.13 16.16
N SER A 5 5.66 -10.40 15.76
CA SER A 5 4.30 -10.84 15.44
C SER A 5 3.38 -10.90 16.65
N VAL A 6 3.86 -10.98 17.90
CA VAL A 6 2.93 -10.82 19.00
C VAL A 6 3.51 -9.64 19.78
N ASP A 7 2.77 -8.54 19.83
CA ASP A 7 3.40 -7.34 20.40
C ASP A 7 2.38 -6.24 20.59
N THR A 8 2.88 -5.15 21.15
CA THR A 8 2.05 -3.97 21.36
C THR A 8 2.49 -2.83 20.44
N MET A 9 1.55 -2.14 19.83
CA MET A 9 1.89 -1.00 18.98
C MET A 9 1.28 0.27 19.61
N THR A 10 2.11 1.00 20.35
CA THR A 10 1.55 2.20 21.01
C THR A 10 1.72 3.41 20.09
N LEU A 11 0.60 4.03 19.80
CA LEU A 11 0.52 5.16 18.90
C LEU A 11 0.56 6.48 19.65
N THR A 12 1.58 7.31 19.39
CA THR A 12 1.69 8.61 20.04
C THR A 12 2.08 9.69 19.03
N ASN A 13 1.95 10.93 19.48
CA ASN A 13 2.30 12.09 18.67
C ASN A 13 3.62 12.64 19.23
N ALA A 14 4.50 13.12 18.40
CA ALA A 14 5.73 13.77 18.86
C ALA A 14 6.27 14.57 17.66
N ASN A 15 7.31 15.36 17.88
CA ASN A 15 7.88 16.10 16.76
C ASN A 15 8.78 15.18 15.97
N VAL A 16 8.78 15.40 14.68
CA VAL A 16 9.65 14.55 13.82
C VAL A 16 10.36 15.47 12.85
N SER A 17 11.52 15.16 12.33
CA SER A 17 12.17 15.97 11.33
C SER A 17 13.00 15.12 10.39
N PRO A 18 12.31 14.35 9.55
CA PRO A 18 12.92 13.46 8.61
C PRO A 18 13.66 14.14 7.45
N ASP A 19 13.36 15.41 7.15
CA ASP A 19 13.97 16.13 6.06
C ASP A 19 14.56 17.41 6.60
N GLY A 20 14.74 17.52 7.92
CA GLY A 20 15.33 18.72 8.48
C GLY A 20 14.31 19.83 8.80
N PHE A 21 13.04 19.69 8.49
CA PHE A 21 11.95 20.54 8.87
C PHE A 21 11.23 19.80 10.01
N THR A 22 11.16 20.35 11.19
CA THR A 22 10.49 19.69 12.30
C THR A 22 9.01 20.06 12.40
N ARG A 23 8.15 19.06 12.49
CA ARG A 23 6.72 19.15 12.62
C ARG A 23 6.19 17.97 13.44
N ALA A 24 4.95 18.04 13.89
CA ALA A 24 4.46 16.95 14.75
C ALA A 24 4.03 15.80 13.82
N GLY A 25 4.23 14.58 14.28
CA GLY A 25 3.91 13.40 13.45
C GLY A 25 3.32 12.33 14.37
N ILE A 26 3.30 11.12 13.83
CA ILE A 26 2.69 9.99 14.52
C ILE A 26 3.77 8.92 14.65
N LEU A 27 4.02 8.46 15.85
CA LEU A 27 5.07 7.48 16.14
C LEU A 27 4.41 6.18 16.56
N VAL A 28 5.08 5.08 16.25
CA VAL A 28 4.61 3.75 16.66
C VAL A 28 5.71 3.26 17.58
N ASN A 29 5.45 3.09 18.86
CA ASN A 29 6.43 2.64 19.85
C ASN A 29 7.66 3.53 19.84
N GLY A 30 7.45 4.84 19.74
CA GLY A 30 8.54 5.82 19.76
C GLY A 30 9.38 5.89 18.49
N VAL A 31 8.90 5.30 17.41
CA VAL A 31 9.66 5.21 16.18
C VAL A 31 8.71 5.60 15.02
N HIS A 32 9.31 6.30 14.06
CA HIS A 32 8.56 6.70 12.89
C HIS A 32 8.47 5.52 11.95
N GLY A 33 7.34 4.83 11.86
CA GLY A 33 7.20 3.70 10.93
C GLY A 33 8.18 2.55 11.07
N PRO A 34 8.19 1.89 12.22
CA PRO A 34 9.00 0.68 12.47
C PRO A 34 8.57 -0.52 11.65
N LEU A 35 9.51 -1.47 11.44
CA LEU A 35 9.29 -2.67 10.67
C LEU A 35 8.49 -3.69 11.48
N ILE A 36 7.52 -4.31 10.85
CA ILE A 36 6.80 -5.44 11.45
C ILE A 36 7.26 -6.67 10.66
N ARG A 37 7.70 -7.72 11.36
CA ARG A 37 8.17 -8.90 10.64
C ARG A 37 7.75 -10.18 11.35
N GLY A 38 7.65 -11.25 10.57
CA GLY A 38 7.34 -12.56 11.15
C GLY A 38 7.54 -13.62 10.07
N GLY A 39 7.05 -14.81 10.41
CA GLY A 39 7.16 -15.95 9.49
C GLY A 39 5.79 -16.23 8.91
N LYS A 40 5.72 -16.97 7.83
CA LYS A 40 4.53 -17.23 7.04
C LYS A 40 3.42 -17.99 7.79
N ASN A 41 3.83 -18.70 8.84
CA ASN A 41 2.84 -19.43 9.61
C ASN A 41 2.63 -18.73 10.94
N ASP A 42 3.24 -17.61 11.26
CA ASP A 42 2.99 -17.05 12.59
C ASP A 42 1.55 -16.68 12.84
N ASN A 43 1.18 -16.68 14.12
CA ASN A 43 -0.14 -16.18 14.51
C ASN A 43 0.15 -14.76 15.03
N PHE A 44 -0.36 -13.74 14.36
CA PHE A 44 -0.04 -12.39 14.85
C PHE A 44 -1.05 -11.94 15.88
N GLU A 45 -0.55 -11.35 16.97
CA GLU A 45 -1.45 -10.74 17.95
C GLU A 45 -0.93 -9.32 18.16
N LEU A 46 -1.52 -8.34 17.48
CA LEU A 46 -1.00 -6.98 17.60
C LEU A 46 -1.94 -6.07 18.35
N ASN A 47 -1.58 -5.73 19.58
CA ASN A 47 -2.41 -4.89 20.41
C ASN A 47 -2.13 -3.44 20.05
N VAL A 48 -3.04 -2.75 19.40
CA VAL A 48 -2.88 -1.37 18.99
C VAL A 48 -3.50 -0.44 20.03
N VAL A 49 -2.64 0.25 20.75
CA VAL A 49 -2.95 1.20 21.81
C VAL A 49 -2.91 2.62 21.25
N ASN A 50 -4.08 3.20 21.09
CA ASN A 50 -4.26 4.53 20.57
C ASN A 50 -4.10 5.60 21.64
N ASP A 51 -2.86 6.06 21.82
CA ASP A 51 -2.60 7.19 22.74
C ASP A 51 -2.47 8.52 21.99
N LEU A 52 -2.99 8.71 20.79
CA LEU A 52 -2.79 9.97 20.06
C LEU A 52 -3.59 11.12 20.69
N ASP A 53 -2.94 12.25 20.87
CA ASP A 53 -3.63 13.40 21.47
C ASP A 53 -3.39 14.70 20.74
N ASN A 54 -2.70 14.71 19.60
CA ASN A 54 -2.53 15.97 18.85
C ASN A 54 -3.71 16.16 17.94
N PRO A 55 -4.46 17.26 18.14
CA PRO A 55 -5.64 17.59 17.37
C PRO A 55 -5.37 18.12 15.98
N THR A 56 -4.11 18.30 15.56
CA THR A 56 -3.88 18.81 14.18
C THR A 56 -3.90 17.71 13.13
N MET A 57 -4.02 16.46 13.58
CA MET A 57 -4.15 15.33 12.65
C MET A 57 -5.16 14.38 13.29
N LEU A 58 -5.75 13.53 12.45
CA LEU A 58 -6.74 12.56 12.89
C LEU A 58 -6.27 11.77 14.10
N ARG A 59 -7.19 11.55 15.03
CA ARG A 59 -6.87 10.83 16.26
C ARG A 59 -7.43 9.44 16.35
N PRO A 60 -8.65 9.20 15.95
CA PRO A 60 -9.23 7.85 15.88
C PRO A 60 -8.39 7.08 14.85
N THR A 61 -8.31 5.76 15.00
CA THR A 61 -7.46 5.03 14.04
C THR A 61 -8.07 3.70 13.65
N SER A 62 -7.52 3.17 12.57
CA SER A 62 -7.86 1.86 12.02
C SER A 62 -6.68 1.37 11.17
N ILE A 63 -6.11 0.21 11.53
CA ILE A 63 -4.94 -0.26 10.82
C ILE A 63 -5.22 -1.30 9.74
N HIS A 64 -4.77 -1.10 8.51
CA HIS A 64 -4.89 -2.07 7.43
C HIS A 64 -3.53 -2.77 7.23
N TRP A 65 -3.56 -4.09 7.04
CA TRP A 65 -2.33 -4.89 6.86
C TRP A 65 -2.31 -5.23 5.37
N HIS A 66 -1.71 -4.30 4.61
CA HIS A 66 -1.91 -4.32 3.15
C HIS A 66 -1.34 -5.56 2.49
N GLY A 67 -2.12 -6.32 1.76
CA GLY A 67 -1.64 -7.52 1.08
C GLY A 67 -2.02 -8.82 1.78
N LEU A 68 -2.41 -8.78 3.04
CA LEU A 68 -2.84 -10.00 3.74
C LEU A 68 -4.28 -10.30 3.34
N PHE A 69 -4.62 -11.55 3.00
CA PHE A 69 -5.98 -11.84 2.55
C PHE A 69 -7.01 -11.87 3.67
N GLN A 70 -6.59 -12.06 4.89
CA GLN A 70 -7.48 -12.07 6.04
C GLN A 70 -8.65 -13.04 5.89
N ARG A 71 -8.38 -14.26 5.42
CA ARG A 71 -9.41 -15.29 5.24
C ARG A 71 -9.88 -15.76 6.61
N GLY A 72 -11.17 -15.61 6.93
CA GLY A 72 -11.65 -15.97 8.26
C GLY A 72 -11.44 -14.85 9.27
N THR A 73 -10.78 -13.72 8.95
CA THR A 73 -10.51 -12.67 9.89
C THR A 73 -10.79 -11.31 9.21
N ASN A 74 -11.90 -11.24 8.48
CA ASN A 74 -12.36 -10.03 7.81
C ASN A 74 -12.50 -8.89 8.82
N TRP A 75 -12.77 -9.13 10.09
CA TRP A 75 -12.91 -8.11 11.11
C TRP A 75 -11.61 -7.40 11.48
N ALA A 76 -10.48 -7.97 11.07
CA ALA A 76 -9.17 -7.40 11.35
C ALA A 76 -8.55 -6.79 10.10
N ASP A 77 -9.26 -6.66 9.00
CA ASP A 77 -8.77 -6.09 7.75
C ASP A 77 -8.55 -4.58 7.89
N GLY A 78 -9.26 -3.90 8.78
CA GLY A 78 -8.93 -2.52 9.07
C GLY A 78 -9.46 -1.36 8.24
N ALA A 79 -10.36 -1.55 7.28
CA ALA A 79 -10.95 -0.42 6.57
C ALA A 79 -12.17 0.01 7.38
N ASP A 80 -12.06 1.17 8.04
CA ASP A 80 -13.17 1.68 8.82
C ASP A 80 -14.33 1.93 7.86
N GLY A 81 -15.54 1.65 8.36
CA GLY A 81 -16.72 1.78 7.51
C GLY A 81 -17.01 0.50 6.74
N VAL A 82 -16.10 -0.48 6.74
CA VAL A 82 -16.27 -1.71 5.99
C VAL A 82 -16.10 -2.92 6.92
N ASN A 83 -14.95 -3.00 7.57
CA ASN A 83 -14.59 -4.09 8.44
C ASN A 83 -14.61 -3.74 9.92
N GLN A 84 -14.58 -2.46 10.28
CA GLN A 84 -14.61 -2.06 11.67
C GLN A 84 -14.96 -0.59 11.83
N CYS A 85 -15.25 -0.19 13.06
CA CYS A 85 -15.42 1.24 13.37
C CYS A 85 -14.05 1.61 13.90
N PRO A 86 -13.64 2.85 13.90
CA PRO A 86 -12.34 3.27 14.36
C PRO A 86 -12.07 2.93 15.82
N ILE A 87 -10.82 2.76 16.19
CA ILE A 87 -10.35 2.61 17.54
C ILE A 87 -10.22 4.08 18.05
N SER A 88 -10.79 4.40 19.19
CA SER A 88 -10.82 5.76 19.69
C SER A 88 -9.62 6.07 20.57
N PRO A 89 -9.28 7.35 20.63
CA PRO A 89 -8.23 7.85 21.50
C PRO A 89 -8.47 7.33 22.92
N GLY A 90 -7.44 6.83 23.58
CA GLY A 90 -7.54 6.36 24.95
C GLY A 90 -7.91 4.89 25.06
N HIS A 91 -8.17 4.23 23.94
CA HIS A 91 -8.55 2.84 23.90
C HIS A 91 -7.55 2.06 23.03
N ALA A 92 -7.66 0.75 23.19
CA ALA A 92 -6.85 -0.25 22.55
C ALA A 92 -7.70 -1.30 21.84
N PHE A 93 -7.11 -1.92 20.81
CA PHE A 93 -7.80 -2.99 20.11
C PHE A 93 -6.79 -4.06 19.72
N LEU A 94 -7.12 -5.33 19.95
CA LEU A 94 -6.20 -6.40 19.63
C LEU A 94 -6.52 -7.01 18.28
N TYR A 95 -5.60 -6.85 17.31
CA TYR A 95 -5.80 -7.48 16.00
C TYR A 95 -5.16 -8.87 16.05
N LYS A 96 -5.86 -9.88 15.52
CA LYS A 96 -5.32 -11.23 15.60
C LYS A 96 -5.53 -11.87 14.23
N PHE A 97 -4.46 -12.32 13.60
CA PHE A 97 -4.61 -12.89 12.26
C PHE A 97 -3.36 -13.73 11.96
N THR A 98 -3.39 -14.31 10.76
CA THR A 98 -2.18 -15.04 10.34
C THR A 98 -2.08 -14.93 8.84
N PRO A 99 -0.86 -14.94 8.32
CA PRO A 99 -0.59 -14.95 6.90
C PRO A 99 -1.02 -16.27 6.27
N ALA A 100 -1.21 -17.32 7.07
CA ALA A 100 -1.65 -18.62 6.60
C ALA A 100 -0.83 -19.15 5.43
N GLY A 101 0.46 -19.13 5.51
CA GLY A 101 1.33 -19.60 4.46
C GLY A 101 1.73 -18.57 3.42
N HIS A 102 1.20 -17.36 3.45
CA HIS A 102 1.43 -16.36 2.40
C HIS A 102 2.64 -15.53 2.73
N ALA A 103 3.80 -15.74 2.11
CA ALA A 103 4.95 -14.94 2.47
C ALA A 103 5.05 -13.78 1.47
N GLY A 104 5.79 -12.75 1.87
CA GLY A 104 5.95 -11.66 0.89
C GLY A 104 6.29 -10.33 1.53
N THR A 105 6.34 -9.31 0.68
CA THR A 105 6.67 -7.97 1.17
C THR A 105 5.34 -7.19 1.23
N PHE A 106 5.03 -6.64 2.39
CA PHE A 106 3.75 -5.96 2.60
C PHE A 106 3.97 -4.61 3.26
N TRP A 107 2.93 -3.99 3.81
CA TRP A 107 3.11 -2.81 4.64
C TRP A 107 1.85 -2.62 5.48
N TYR A 108 1.93 -1.91 6.57
CA TYR A 108 0.76 -1.60 7.37
C TYR A 108 0.54 -0.07 7.24
N HIS A 109 -0.69 0.37 7.33
CA HIS A 109 -0.99 1.80 7.31
C HIS A 109 -2.39 2.01 7.90
N SER A 110 -2.54 3.18 8.51
CA SER A 110 -3.89 3.56 8.95
C SER A 110 -4.77 3.64 7.72
N HIS A 111 -6.03 3.22 7.84
CA HIS A 111 -6.96 3.30 6.73
C HIS A 111 -7.98 4.41 7.00
N PHE A 112 -7.77 5.19 8.05
CA PHE A 112 -8.76 6.18 8.46
C PHE A 112 -8.46 7.55 7.86
N GLY A 113 -9.23 8.03 6.89
CA GLY A 113 -8.95 9.36 6.37
C GLY A 113 -7.52 9.42 5.83
N THR A 114 -6.89 10.59 5.99
CA THR A 114 -5.51 10.80 5.56
C THR A 114 -4.50 10.64 6.65
N GLN A 115 -4.78 9.91 7.73
CA GLN A 115 -3.85 9.73 8.83
C GLN A 115 -2.52 9.07 8.46
N TYR A 116 -2.55 8.12 7.50
CA TYR A 116 -1.31 7.46 7.08
C TYR A 116 -0.38 8.48 6.42
N CYS A 117 -0.96 9.52 5.77
CA CYS A 117 -0.13 10.57 5.21
C CYS A 117 0.67 11.30 6.28
N ASP A 118 0.30 11.25 7.55
CA ASP A 118 1.05 11.90 8.60
C ASP A 118 2.01 10.95 9.32
N GLY A 119 2.31 9.80 8.66
CA GLY A 119 3.31 8.93 9.22
C GLY A 119 2.88 7.62 9.84
N LEU A 120 1.57 7.34 9.94
CA LEU A 120 1.14 6.08 10.51
C LEU A 120 1.14 5.02 9.41
N ARG A 121 2.33 4.49 9.14
CA ARG A 121 2.58 3.56 8.04
C ARG A 121 4.00 2.99 8.22
N GLY A 122 4.28 1.84 7.63
CA GLY A 122 5.64 1.27 7.81
C GLY A 122 5.64 -0.07 7.05
N PRO A 123 6.81 -0.62 6.90
CA PRO A 123 7.03 -1.88 6.19
C PRO A 123 6.64 -3.10 7.01
N MET A 124 6.19 -4.16 6.33
CA MET A 124 5.81 -5.41 6.99
C MET A 124 6.28 -6.58 6.13
N VAL A 125 7.25 -7.32 6.66
CA VAL A 125 7.88 -8.39 5.88
C VAL A 125 7.61 -9.75 6.51
N ILE A 126 7.04 -10.64 5.70
CA ILE A 126 6.75 -12.01 6.07
C ILE A 126 7.70 -12.97 5.32
N TYR A 127 8.69 -13.48 6.01
CA TYR A 127 9.71 -14.39 5.46
C TYR A 127 9.28 -15.84 5.23
N ASP A 128 9.79 -16.45 4.18
CA ASP A 128 9.39 -17.79 3.78
C ASP A 128 10.51 -18.76 4.11
N ASP A 129 10.29 -19.73 5.00
CA ASP A 129 11.38 -20.67 5.30
C ASP A 129 11.64 -21.66 4.18
N ASN A 130 10.87 -21.75 3.12
CA ASN A 130 11.04 -22.53 1.95
C ASN A 130 11.12 -21.64 0.70
N ASP A 131 11.62 -20.40 0.84
CA ASP A 131 11.53 -19.51 -0.32
C ASP A 131 12.05 -20.13 -1.60
N PRO A 132 11.18 -20.18 -2.60
CA PRO A 132 11.48 -20.63 -3.94
C PRO A 132 12.65 -19.93 -4.63
N HIS A 133 12.99 -18.71 -4.23
CA HIS A 133 14.06 -17.94 -4.87
C HIS A 133 15.31 -17.78 -4.02
N ALA A 134 15.38 -18.59 -2.96
CA ALA A 134 16.53 -18.48 -2.07
C ALA A 134 17.85 -18.74 -2.75
N ALA A 135 17.96 -19.50 -3.85
CA ALA A 135 19.29 -19.65 -4.46
C ALA A 135 19.79 -18.38 -5.13
N LEU A 136 18.91 -17.41 -5.38
CA LEU A 136 19.23 -16.21 -6.15
C LEU A 136 19.92 -15.12 -5.38
N TYR A 137 19.95 -15.15 -4.05
CA TYR A 137 20.62 -14.11 -3.29
C TYR A 137 21.24 -14.66 -2.02
N ASP A 138 22.14 -13.89 -1.43
CA ASP A 138 22.84 -14.23 -0.21
C ASP A 138 22.22 -13.59 1.01
N GLU A 139 21.72 -12.36 0.92
CA GLU A 139 21.27 -11.65 2.10
C GLU A 139 19.87 -11.09 1.92
N ASP A 140 19.11 -11.20 3.01
CA ASP A 140 17.73 -10.71 2.99
C ASP A 140 17.40 -10.37 4.43
N ASP A 141 17.44 -9.12 4.87
CA ASP A 141 17.14 -8.84 6.26
C ASP A 141 16.60 -7.43 6.41
N GLU A 142 16.58 -6.95 7.64
CA GLU A 142 16.06 -5.63 7.94
C GLU A 142 16.88 -4.57 7.22
N ASN A 143 18.12 -4.81 6.81
CA ASN A 143 18.94 -3.87 6.08
C ASN A 143 18.74 -3.93 4.58
N THR A 144 17.88 -4.79 4.02
CA THR A 144 17.65 -4.76 2.60
C THR A 144 16.25 -4.26 2.25
N ILE A 145 15.63 -3.53 3.15
CA ILE A 145 14.30 -2.95 2.93
C ILE A 145 14.45 -1.48 2.51
N ILE A 146 13.74 -1.11 1.47
CA ILE A 146 13.78 0.27 0.98
C ILE A 146 12.34 0.79 0.91
N THR A 147 11.97 1.72 1.80
CA THR A 147 10.64 2.32 1.71
C THR A 147 10.71 3.72 1.06
N LEU A 148 9.72 4.03 0.26
CA LEU A 148 9.51 5.31 -0.38
C LEU A 148 8.25 5.96 0.25
N ALA A 149 8.34 7.21 0.66
CA ALA A 149 7.25 7.96 1.27
C ALA A 149 7.26 9.44 0.87
N ASP A 150 6.04 9.93 0.68
CA ASP A 150 5.79 11.33 0.37
C ASP A 150 5.66 12.03 1.70
N TRP A 151 6.24 13.19 1.87
CA TRP A 151 6.17 13.90 3.15
C TRP A 151 5.76 15.37 2.98
N TYR A 152 4.87 15.89 3.83
CA TYR A 152 4.30 17.24 3.74
C TYR A 152 4.69 18.02 4.98
N HIS A 153 5.00 19.31 4.81
CA HIS A 153 5.41 20.11 5.98
C HIS A 153 4.22 20.55 6.82
N ILE A 154 2.97 20.34 6.41
CA ILE A 154 1.88 20.61 7.34
C ILE A 154 0.98 19.38 7.40
N PRO A 155 0.39 19.13 8.55
CA PRO A 155 -0.52 18.05 8.80
C PRO A 155 -1.51 17.88 7.66
N ALA A 156 -1.84 16.62 7.33
CA ALA A 156 -2.72 16.37 6.20
C ALA A 156 -4.08 17.05 6.20
N PRO A 157 -4.81 17.07 7.28
CA PRO A 157 -6.09 17.75 7.38
C PRO A 157 -5.98 19.23 7.03
N SER A 158 -4.87 19.93 7.22
CA SER A 158 -4.71 21.32 6.87
C SER A 158 -4.29 21.53 5.43
N ILE A 159 -4.07 20.50 4.64
CA ILE A 159 -3.64 20.79 3.26
C ILE A 159 -4.79 21.51 2.55
N GLN A 160 -4.45 22.61 1.88
CA GLN A 160 -5.43 23.39 1.13
C GLN A 160 -5.10 23.32 -0.36
N GLY A 161 -6.03 22.91 -1.20
CA GLY A 161 -5.73 22.81 -2.63
C GLY A 161 -5.15 21.42 -2.91
N ALA A 162 -4.63 21.25 -4.11
CA ALA A 162 -4.07 19.97 -4.53
C ALA A 162 -2.77 19.71 -3.78
N ALA A 163 -2.67 18.53 -3.18
CA ALA A 163 -1.51 18.15 -2.37
C ALA A 163 -0.26 17.99 -3.22
N GLN A 164 0.85 18.50 -2.71
CA GLN A 164 2.15 18.46 -3.35
C GLN A 164 3.18 18.18 -2.25
N PRO A 165 3.89 17.06 -2.35
CA PRO A 165 4.88 16.68 -1.37
C PRO A 165 6.04 17.67 -1.31
N ASP A 166 6.51 17.94 -0.11
CA ASP A 166 7.69 18.76 0.13
C ASP A 166 8.96 17.93 -0.08
N ALA A 167 8.86 16.64 0.28
CA ALA A 167 10.03 15.77 0.10
C ALA A 167 9.64 14.31 -0.19
N THR A 168 10.63 13.60 -0.70
CA THR A 168 10.66 12.15 -0.85
C THR A 168 11.55 11.59 0.27
N LEU A 169 10.99 10.71 1.09
CA LEU A 169 11.68 10.03 2.18
C LEU A 169 12.06 8.62 1.70
N ILE A 170 13.33 8.30 1.78
CA ILE A 170 13.82 6.96 1.44
C ILE A 170 14.26 6.41 2.82
N ASN A 171 13.62 5.32 3.26
CA ASN A 171 13.91 4.82 4.59
C ASN A 171 13.77 5.92 5.62
N GLY A 172 12.71 6.73 5.54
CA GLY A 172 12.48 7.75 6.54
C GLY A 172 13.31 9.00 6.43
N LYS A 173 14.20 9.18 5.44
CA LYS A 173 15.08 10.34 5.40
C LYS A 173 15.15 10.92 4.00
N GLY A 174 15.32 12.25 3.93
CA GLY A 174 15.42 12.85 2.58
C GLY A 174 15.59 14.36 2.78
N ARG A 175 15.52 15.14 1.71
CA ARG A 175 15.70 16.58 1.79
C ARG A 175 14.62 17.31 0.99
N TYR A 176 14.36 18.58 1.31
CA TYR A 176 13.38 19.31 0.46
C TYR A 176 14.11 20.42 -0.30
N VAL A 177 13.56 20.85 -1.41
CA VAL A 177 14.25 21.89 -2.21
C VAL A 177 14.43 23.16 -1.39
N GLY A 178 15.63 23.67 -1.23
CA GLY A 178 15.89 24.84 -0.43
C GLY A 178 16.06 24.43 1.01
N GLY A 179 15.94 23.13 1.38
CA GLY A 179 16.09 22.84 2.82
C GLY A 179 17.54 22.61 3.19
N PRO A 180 17.79 22.33 4.45
CA PRO A 180 19.10 22.01 4.99
C PRO A 180 19.61 20.69 4.44
N ALA A 181 20.91 20.47 4.54
CA ALA A 181 21.47 19.19 4.06
C ALA A 181 21.24 18.10 5.11
N ALA A 182 20.01 17.73 5.40
CA ALA A 182 19.68 16.68 6.35
C ALA A 182 20.29 15.34 5.87
N GLU A 183 20.61 14.54 6.85
CA GLU A 183 21.18 13.21 6.68
C GLU A 183 20.40 12.33 5.71
N LEU A 184 21.11 11.77 4.76
CA LEU A 184 20.52 10.84 3.79
C LEU A 184 20.61 9.41 4.30
N SER A 185 19.70 8.56 3.84
CA SER A 185 19.72 7.15 4.20
C SER A 185 20.85 6.48 3.40
N ILE A 186 21.49 5.54 4.05
CA ILE A 186 22.57 4.74 3.47
C ILE A 186 22.18 3.25 3.45
N VAL A 187 22.30 2.64 2.31
CA VAL A 187 22.05 1.20 2.18
C VAL A 187 23.46 0.58 1.96
N ASN A 188 23.89 -0.25 2.91
CA ASN A 188 25.23 -0.83 2.82
C ASN A 188 25.28 -2.18 2.09
N VAL A 189 26.21 -2.40 1.17
CA VAL A 189 26.38 -3.68 0.51
C VAL A 189 27.86 -4.08 0.51
N GLU A 190 28.15 -5.32 0.14
CA GLU A 190 29.55 -5.77 0.02
C GLU A 190 29.76 -6.30 -1.40
N GLN A 191 30.84 -5.89 -2.05
CA GLN A 191 31.11 -6.37 -3.41
C GLN A 191 31.14 -7.89 -3.43
N GLY A 192 30.55 -8.51 -4.43
CA GLY A 192 30.45 -9.94 -4.53
C GLY A 192 29.20 -10.58 -3.96
N LYS A 193 28.44 -9.96 -3.10
CA LYS A 193 27.20 -10.52 -2.57
C LYS A 193 25.98 -10.08 -3.36
N LYS A 194 24.91 -10.85 -3.26
CA LYS A 194 23.65 -10.59 -3.92
C LYS A 194 22.60 -10.35 -2.82
N TYR A 195 21.75 -9.33 -2.98
CA TYR A 195 20.81 -8.94 -1.95
C TYR A 195 19.37 -8.93 -2.45
N ARG A 196 18.48 -9.45 -1.63
CA ARG A 196 17.06 -9.37 -1.96
C ARG A 196 16.60 -8.02 -1.37
N MET A 197 16.56 -7.01 -2.26
CA MET A 197 16.09 -5.68 -1.81
C MET A 197 14.56 -5.66 -1.85
N ARG A 198 13.92 -5.16 -0.81
CA ARG A 198 12.45 -5.14 -0.76
C ARG A 198 11.97 -3.69 -0.88
N LEU A 199 11.37 -3.38 -2.01
CA LEU A 199 11.03 -1.97 -2.28
C LEU A 199 9.54 -1.71 -2.05
N ILE A 200 9.23 -0.82 -1.11
CA ILE A 200 7.83 -0.57 -0.78
C ILE A 200 7.44 0.87 -0.93
N SER A 201 6.30 1.08 -1.61
CA SER A 201 5.80 2.47 -1.64
C SER A 201 4.77 2.61 -0.52
N LEU A 202 5.02 3.59 0.33
CA LEU A 202 4.15 3.93 1.44
C LEU A 202 3.33 5.20 1.08
N SER A 203 3.25 5.57 -0.17
CA SER A 203 2.71 6.81 -0.64
C SER A 203 1.21 7.01 -0.45
N CYS A 204 0.91 8.26 -0.19
CA CYS A 204 -0.49 8.71 -0.16
C CYS A 204 -0.85 9.19 -1.55
N ASP A 205 0.12 9.36 -2.46
CA ASP A 205 -0.34 9.89 -3.78
C ASP A 205 0.65 9.75 -4.89
N PRO A 206 1.79 10.41 -4.82
CA PRO A 206 2.78 10.36 -5.89
C PRO A 206 3.32 8.95 -6.15
N ASN A 207 3.68 8.69 -7.37
CA ASN A 207 4.35 7.51 -7.86
C ASN A 207 5.81 7.95 -8.06
N TRP A 208 6.75 7.01 -8.11
CA TRP A 208 8.15 7.36 -8.24
C TRP A 208 8.77 6.51 -9.35
N GLN A 209 9.75 7.09 -10.04
CA GLN A 209 10.57 6.36 -10.98
C GLN A 209 11.80 6.00 -10.13
N PHE A 210 12.08 4.70 -9.99
CA PHE A 210 13.13 4.30 -9.07
C PHE A 210 14.27 3.63 -9.85
N SER A 211 15.49 3.99 -9.47
CA SER A 211 16.65 3.39 -10.13
C SER A 211 17.85 3.61 -9.24
N ILE A 212 18.86 2.77 -9.50
CA ILE A 212 20.08 2.85 -8.69
C ILE A 212 21.23 3.05 -9.67
N ASP A 213 22.02 4.11 -9.52
CA ASP A 213 23.11 4.32 -10.50
C ASP A 213 24.03 3.09 -10.62
N GLY A 214 24.33 2.75 -11.86
CA GLY A 214 25.23 1.68 -12.24
C GLY A 214 24.75 0.26 -11.98
N HIS A 215 23.53 0.00 -11.52
CA HIS A 215 23.10 -1.35 -11.16
C HIS A 215 21.82 -1.77 -11.87
N GLU A 216 21.63 -3.05 -12.10
CA GLU A 216 20.39 -3.54 -12.71
C GLU A 216 19.44 -3.98 -11.60
N LEU A 217 18.18 -4.15 -11.90
CA LEU A 217 17.21 -4.54 -10.87
C LEU A 217 16.53 -5.84 -11.31
N THR A 218 16.80 -6.94 -10.60
CA THR A 218 16.23 -8.21 -11.09
C THR A 218 15.00 -8.54 -10.24
N ILE A 219 13.85 -8.20 -10.84
CA ILE A 219 12.59 -8.37 -10.13
C ILE A 219 12.21 -9.83 -9.93
N ILE A 220 11.97 -10.22 -8.68
CA ILE A 220 11.56 -11.59 -8.35
C ILE A 220 10.27 -11.70 -7.55
N GLU A 221 9.71 -10.54 -7.17
CA GLU A 221 8.48 -10.48 -6.41
C GLU A 221 7.67 -9.21 -6.71
N VAL A 222 6.36 -9.33 -6.71
CA VAL A 222 5.49 -8.17 -6.89
C VAL A 222 4.29 -8.31 -5.98
N ASP A 223 4.14 -7.31 -5.10
CA ASP A 223 2.97 -7.27 -4.24
C ASP A 223 2.72 -8.63 -3.56
N GLY A 224 3.74 -9.20 -2.90
CA GLY A 224 3.63 -10.45 -2.16
C GLY A 224 3.42 -11.68 -3.04
N GLU A 225 3.68 -11.61 -4.33
CA GLU A 225 3.53 -12.68 -5.27
C GLU A 225 4.85 -12.82 -6.05
N LEU A 226 5.43 -14.02 -6.07
CA LEU A 226 6.70 -14.24 -6.78
C LEU A 226 6.56 -14.24 -8.28
N THR A 227 7.63 -13.79 -8.95
CA THR A 227 7.60 -13.81 -10.42
C THR A 227 8.86 -14.54 -10.91
N GLU A 228 8.85 -14.84 -12.18
CA GLU A 228 10.08 -15.30 -12.85
C GLU A 228 11.02 -14.07 -12.77
N PRO A 229 12.31 -14.27 -12.59
CA PRO A 229 13.30 -13.20 -12.51
C PRO A 229 13.26 -12.32 -13.75
N HIS A 230 13.10 -11.00 -13.62
CA HIS A 230 12.99 -10.12 -14.78
C HIS A 230 13.76 -8.83 -14.49
N THR A 231 14.83 -8.65 -15.25
CA THR A 231 15.79 -7.56 -15.01
C THR A 231 15.53 -6.28 -15.78
N VAL A 232 15.62 -5.15 -15.14
CA VAL A 232 15.29 -3.85 -15.76
C VAL A 232 16.20 -2.85 -15.14
N ASP A 233 16.32 -1.62 -15.65
CA ASP A 233 17.11 -0.57 -15.05
C ASP A 233 16.28 0.40 -14.21
N ARG A 234 15.01 0.54 -14.61
CA ARG A 234 14.19 1.53 -13.92
C ARG A 234 12.73 1.10 -13.87
N LEU A 235 12.06 1.45 -12.78
CA LEU A 235 10.65 1.06 -12.68
C LEU A 235 9.88 2.22 -12.05
N GLN A 236 8.62 2.22 -12.42
CA GLN A 236 7.67 3.22 -11.90
C GLN A 236 6.85 2.57 -10.81
N ILE A 237 6.84 3.12 -9.60
CA ILE A 237 6.08 2.45 -8.54
C ILE A 237 4.94 3.32 -7.99
N PHE A 238 3.75 2.76 -7.99
CA PHE A 238 2.56 3.47 -7.51
C PHE A 238 2.17 3.13 -6.09
N THR A 239 1.31 3.96 -5.51
CA THR A 239 0.87 3.87 -4.14
C THR A 239 0.70 2.43 -3.65
N GLY A 240 1.47 2.08 -2.62
CA GLY A 240 1.37 0.79 -2.01
C GLY A 240 1.81 -0.47 -2.73
N GLN A 241 2.43 -0.36 -3.91
CA GLN A 241 2.93 -1.50 -4.64
C GLN A 241 4.27 -1.88 -3.97
N ARG A 242 4.67 -3.14 -4.12
CA ARG A 242 5.96 -3.54 -3.52
C ARG A 242 6.69 -4.34 -4.59
N TYR A 243 8.02 -4.27 -4.62
CA TYR A 243 8.78 -5.13 -5.53
C TYR A 243 9.96 -5.73 -4.72
N SER A 244 10.27 -7.02 -4.88
CA SER A 244 11.55 -7.47 -4.34
C SER A 244 12.45 -7.54 -5.59
N PHE A 245 13.68 -7.10 -5.54
CA PHE A 245 14.58 -7.23 -6.67
C PHE A 245 15.94 -7.70 -6.13
N VAL A 246 16.60 -8.53 -6.93
CA VAL A 246 17.94 -8.95 -6.49
C VAL A 246 18.87 -7.83 -6.96
N LEU A 247 19.67 -7.32 -6.08
CA LEU A 247 20.73 -6.41 -6.34
C LEU A 247 22.05 -7.22 -6.25
N ASP A 248 22.71 -7.22 -7.38
CA ASP A 248 23.99 -7.93 -7.57
C ASP A 248 25.09 -6.93 -7.32
N ALA A 249 25.74 -6.91 -6.17
CA ALA A 249 26.76 -5.87 -5.93
C ALA A 249 28.07 -6.21 -6.68
N ASN A 250 28.04 -6.02 -7.99
CA ASN A 250 29.08 -6.38 -8.91
C ASN A 250 29.86 -5.23 -9.53
N GLN A 251 29.80 -4.03 -8.96
CA GLN A 251 30.46 -2.86 -9.53
C GLN A 251 31.62 -2.49 -8.63
N PRO A 252 32.46 -1.59 -9.09
CA PRO A 252 33.62 -1.12 -8.37
C PRO A 252 33.22 -0.63 -6.99
N VAL A 253 34.05 -0.82 -5.97
CA VAL A 253 33.62 -0.34 -4.66
C VAL A 253 33.51 1.18 -4.76
N ASP A 254 32.34 1.70 -4.34
CA ASP A 254 32.10 3.14 -4.47
C ASP A 254 30.77 3.56 -3.87
N ASN A 255 30.45 4.87 -3.94
CA ASN A 255 29.16 5.35 -3.48
C ASN A 255 28.28 5.55 -4.70
N TYR A 256 27.03 5.09 -4.68
CA TYR A 256 26.13 5.18 -5.81
C TYR A 256 24.81 5.79 -5.31
N TRP A 257 24.26 6.66 -6.17
CA TRP A 257 23.00 7.32 -5.83
C TRP A 257 21.82 6.36 -6.00
N ILE A 258 20.93 6.42 -5.03
CA ILE A 258 19.66 5.65 -5.18
C ILE A 258 18.63 6.79 -5.45
N ARG A 259 17.91 6.63 -6.52
CA ARG A 259 17.05 7.69 -7.05
C ARG A 259 15.57 7.38 -7.04
N ALA A 260 14.77 8.26 -6.48
CA ALA A 260 13.30 8.05 -6.53
C ALA A 260 12.70 9.40 -6.95
N GLN A 261 12.33 9.58 -8.20
CA GLN A 261 11.79 10.80 -8.75
C GLN A 261 10.27 10.81 -8.73
N PRO A 262 9.67 11.75 -8.02
CA PRO A 262 8.23 11.85 -7.88
C PRO A 262 7.56 12.46 -9.10
N ASN A 263 6.28 12.18 -9.30
CA ASN A 263 5.55 12.76 -10.42
C ASN A 263 5.10 14.17 -10.01
N LYS A 264 5.18 14.61 -8.78
CA LYS A 264 4.82 15.99 -8.44
C LYS A 264 5.51 16.39 -7.15
N GLY A 265 5.45 17.64 -6.74
CA GLY A 265 6.09 18.04 -5.49
C GLY A 265 6.34 19.55 -5.56
N ARG A 266 6.54 20.13 -4.40
CA ARG A 266 6.74 21.55 -4.23
C ARG A 266 8.10 21.97 -4.74
N ASN A 267 8.13 23.21 -5.25
CA ASN A 267 9.32 23.87 -5.67
C ASN A 267 10.17 23.09 -6.65
N GLY A 268 9.60 22.42 -7.64
CA GLY A 268 10.47 21.72 -8.57
C GLY A 268 10.95 20.33 -8.14
N LEU A 269 10.53 19.80 -7.01
CA LEU A 269 10.91 18.47 -6.54
C LEU A 269 10.80 17.39 -7.61
N ALA A 270 9.73 17.40 -8.42
CA ALA A 270 9.57 16.42 -9.47
C ALA A 270 10.63 16.52 -10.56
N GLY A 271 11.33 17.65 -10.72
CA GLY A 271 12.26 17.70 -11.84
C GLY A 271 13.71 17.72 -11.44
N THR A 272 14.08 17.49 -10.18
CA THR A 272 15.52 17.60 -9.88
C THR A 272 16.03 16.57 -8.90
N PHE A 273 17.36 16.42 -8.84
CA PHE A 273 18.02 15.61 -7.81
C PHE A 273 19.04 16.53 -7.13
N ALA A 274 18.98 17.81 -7.49
CA ALA A 274 19.96 18.78 -7.02
C ALA A 274 20.04 18.80 -5.50
N ASN A 275 21.25 18.74 -4.96
CA ASN A 275 21.45 18.79 -3.53
C ASN A 275 21.07 17.49 -2.85
N GLY A 276 20.80 16.43 -3.59
CA GLY A 276 20.48 15.16 -2.93
C GLY A 276 19.02 15.08 -2.54
N VAL A 277 18.13 15.87 -3.14
CA VAL A 277 16.70 15.68 -2.85
C VAL A 277 16.31 14.40 -3.58
N ASN A 278 15.28 13.65 -3.24
CA ASN A 278 14.84 12.46 -3.98
C ASN A 278 15.92 11.37 -4.09
N SER A 279 16.80 11.33 -3.11
CA SER A 279 17.96 10.45 -3.17
C SER A 279 18.33 9.76 -1.87
N ALA A 280 19.05 8.65 -2.10
CA ALA A 280 19.67 7.96 -0.96
C ALA A 280 21.02 7.42 -1.49
N ILE A 281 21.77 6.79 -0.58
CA ILE A 281 23.12 6.35 -0.94
C ILE A 281 23.32 4.85 -0.85
N LEU A 282 23.81 4.29 -1.94
CA LEU A 282 24.20 2.87 -1.94
C LEU A 282 25.72 2.82 -1.71
N ARG A 283 26.15 2.34 -0.56
CA ARG A 283 27.57 2.34 -0.24
C ARG A 283 28.20 0.96 -0.09
N TYR A 284 29.15 0.70 -0.95
CA TYR A 284 29.98 -0.50 -0.92
C TYR A 284 30.96 -0.42 0.26
N ALA A 285 31.05 -1.48 1.04
CA ALA A 285 31.99 -1.54 2.16
C ALA A 285 33.37 -1.26 1.58
N GLY A 286 34.04 -0.28 2.16
CA GLY A 286 35.34 0.10 1.63
C GLY A 286 35.30 1.45 0.94
N ALA A 287 34.10 1.93 0.59
CA ALA A 287 34.03 3.27 0.00
C ALA A 287 34.05 4.31 1.11
N ALA A 288 34.59 5.48 0.86
CA ALA A 288 34.57 6.53 1.90
C ALA A 288 33.18 7.00 2.29
N ASN A 289 33.08 7.57 3.49
CA ASN A 289 31.82 8.15 3.96
C ASN A 289 31.72 9.50 3.23
N ALA A 290 31.13 9.48 2.05
CA ALA A 290 30.99 10.63 1.18
C ALA A 290 29.83 10.43 0.22
N ASP A 291 29.41 11.53 -0.41
CA ASP A 291 28.31 11.47 -1.37
C ASP A 291 28.79 10.85 -2.67
N PRO A 292 27.93 10.13 -3.35
CA PRO A 292 28.22 9.58 -4.65
C PRO A 292 28.39 10.75 -5.59
N THR A 293 29.04 10.52 -6.72
CA THR A 293 29.17 11.49 -7.78
C THR A 293 28.78 10.76 -9.07
N THR A 294 27.96 9.72 -8.99
CA THR A 294 27.63 8.98 -10.21
C THR A 294 26.46 9.65 -10.93
N SER A 295 26.13 9.07 -12.08
CA SER A 295 24.99 9.59 -12.83
C SER A 295 24.10 8.47 -13.33
N ALA A 296 22.80 8.78 -13.41
CA ALA A 296 21.83 7.79 -13.89
C ALA A 296 22.13 7.34 -15.30
N ASN A 297 21.59 6.16 -15.63
CA ASN A 297 21.65 5.62 -16.97
C ASN A 297 20.77 6.52 -17.86
N PRO A 298 21.37 6.95 -18.94
CA PRO A 298 20.73 7.84 -19.89
C PRO A 298 19.58 7.18 -20.62
N ASN A 299 19.67 5.90 -20.95
CA ASN A 299 18.61 5.21 -21.68
C ASN A 299 18.24 3.91 -20.98
N PRO A 300 17.51 4.00 -19.88
CA PRO A 300 17.17 2.84 -19.05
C PRO A 300 16.21 1.87 -19.68
N ALA A 301 16.36 0.56 -19.50
CA ALA A 301 15.29 -0.39 -19.90
C ALA A 301 14.20 -0.26 -18.83
N GLN A 302 13.04 0.25 -19.18
CA GLN A 302 11.94 0.55 -18.25
C GLN A 302 11.08 -0.67 -17.93
N LEU A 303 10.72 -0.91 -16.68
CA LEU A 303 9.78 -2.00 -16.40
C LEU A 303 8.43 -1.76 -17.07
N ASN A 304 7.92 -2.77 -17.73
CA ASN A 304 6.59 -2.79 -18.33
C ASN A 304 5.90 -3.97 -17.64
N GLU A 305 4.86 -3.72 -16.88
CA GLU A 305 4.11 -4.67 -16.11
C GLU A 305 3.66 -5.84 -16.96
N ALA A 306 3.32 -5.76 -18.23
CA ALA A 306 2.94 -6.92 -19.01
C ALA A 306 4.14 -7.87 -19.25
N ASP A 307 5.38 -7.51 -18.93
CA ASP A 307 6.51 -8.42 -19.04
C ASP A 307 6.65 -9.27 -17.76
N LEU A 308 5.98 -8.84 -16.69
CA LEU A 308 6.11 -9.65 -15.46
C LEU A 308 5.28 -10.93 -15.55
N HIS A 309 5.81 -12.06 -15.11
CA HIS A 309 5.07 -13.33 -15.15
C HIS A 309 5.11 -14.03 -13.79
N ALA A 310 3.97 -14.52 -13.37
CA ALA A 310 3.83 -15.25 -12.09
C ALA A 310 4.64 -16.54 -12.08
N LEU A 311 5.30 -16.85 -10.99
CA LEU A 311 6.13 -18.04 -10.86
C LEU A 311 5.30 -19.27 -10.45
N ILE A 312 4.46 -19.09 -9.43
CA ILE A 312 3.68 -20.22 -8.91
C ILE A 312 2.22 -20.17 -9.30
N ASP A 313 1.69 -21.29 -9.79
CA ASP A 313 0.29 -21.41 -10.21
C ASP A 313 -0.04 -20.22 -11.09
N PRO A 314 0.66 -20.08 -12.20
CA PRO A 314 0.63 -18.92 -13.07
C PRO A 314 -0.68 -18.60 -13.79
N ALA A 315 -1.46 -19.63 -14.13
CA ALA A 315 -2.60 -19.39 -14.99
C ALA A 315 -3.67 -18.54 -14.32
N ALA A 316 -4.24 -17.65 -15.10
CA ALA A 316 -5.38 -16.86 -14.64
C ALA A 316 -6.53 -17.86 -14.46
N PRO A 317 -7.36 -17.70 -13.47
CA PRO A 317 -8.52 -18.57 -13.26
C PRO A 317 -9.54 -18.44 -14.39
N GLY A 318 -10.31 -19.45 -14.70
CA GLY A 318 -11.40 -19.35 -15.67
C GLY A 318 -11.09 -19.62 -17.10
N ILE A 319 -12.08 -19.45 -17.97
CA ILE A 319 -11.90 -19.66 -19.39
C ILE A 319 -11.03 -18.54 -19.92
N PRO A 320 -10.00 -18.87 -20.67
CA PRO A 320 -9.01 -17.94 -21.19
C PRO A 320 -9.46 -17.09 -22.35
N THR A 321 -10.57 -16.37 -22.23
CA THR A 321 -11.17 -15.52 -23.22
C THR A 321 -11.81 -14.33 -22.50
N PRO A 322 -11.49 -13.14 -22.98
CA PRO A 322 -12.00 -11.91 -22.41
C PRO A 322 -13.51 -12.00 -22.25
N GLY A 323 -14.09 -11.53 -21.15
CA GLY A 323 -15.53 -11.64 -20.98
C GLY A 323 -16.04 -13.05 -20.73
N ALA A 324 -15.25 -14.10 -20.49
CA ALA A 324 -15.83 -15.43 -20.30
C ALA A 324 -15.75 -15.93 -18.87
N ALA A 325 -15.68 -15.00 -17.92
CA ALA A 325 -15.61 -15.36 -16.51
C ALA A 325 -17.01 -15.70 -16.02
N ASP A 326 -17.18 -16.20 -14.80
CA ASP A 326 -18.53 -16.43 -14.28
C ASP A 326 -19.26 -15.12 -14.10
N VAL A 327 -18.61 -14.16 -13.48
CA VAL A 327 -19.11 -12.82 -13.18
C VAL A 327 -18.22 -11.78 -13.88
N ASN A 328 -18.84 -10.98 -14.75
CA ASN A 328 -18.16 -10.01 -15.58
C ASN A 328 -18.64 -8.60 -15.30
N LEU A 329 -17.80 -7.81 -14.64
CA LEU A 329 -18.17 -6.45 -14.28
C LEU A 329 -17.26 -5.44 -14.99
N ARG A 330 -17.94 -4.39 -15.43
CA ARG A 330 -17.27 -3.27 -16.08
C ARG A 330 -17.64 -2.03 -15.28
N PHE A 331 -16.63 -1.29 -14.81
CA PHE A 331 -16.95 -0.09 -13.99
C PHE A 331 -16.64 1.17 -14.78
N GLN A 332 -17.51 2.15 -14.61
CA GLN A 332 -17.38 3.44 -15.29
C GLN A 332 -16.98 4.52 -14.28
N LEU A 333 -15.77 5.02 -14.43
CA LEU A 333 -15.28 6.03 -13.48
C LEU A 333 -15.79 7.41 -13.88
N GLY A 334 -16.09 8.27 -12.93
CA GLY A 334 -16.53 9.61 -13.27
C GLY A 334 -16.03 10.62 -12.24
N PHE A 335 -16.19 11.88 -12.64
CA PHE A 335 -15.83 13.01 -11.80
C PHE A 335 -16.91 14.07 -11.99
N SER A 336 -17.81 14.11 -11.00
CA SER A 336 -18.90 15.07 -11.15
C SER A 336 -19.28 15.73 -9.84
N GLY A 337 -19.44 17.06 -9.93
CA GLY A 337 -19.82 17.88 -8.79
C GLY A 337 -18.75 17.87 -7.72
N GLY A 338 -17.49 17.97 -8.13
CA GLY A 338 -16.33 17.95 -7.27
C GLY A 338 -16.13 16.61 -6.56
N ARG A 339 -16.71 15.52 -7.06
CA ARG A 339 -16.53 14.23 -6.40
C ARG A 339 -16.37 13.15 -7.47
N PHE A 340 -15.52 12.17 -7.16
CA PHE A 340 -15.29 11.06 -8.08
C PHE A 340 -16.48 10.11 -7.88
N THR A 341 -16.90 9.48 -8.97
CA THR A 341 -18.00 8.53 -8.82
C THR A 341 -17.63 7.20 -9.48
N ILE A 342 -18.39 6.16 -9.15
CA ILE A 342 -18.27 4.92 -9.90
C ILE A 342 -19.68 4.47 -10.27
N ASN A 343 -19.90 4.37 -11.57
CA ASN A 343 -21.26 4.08 -12.02
C ASN A 343 -22.24 5.08 -11.40
N GLY A 344 -21.89 6.37 -11.45
CA GLY A 344 -22.74 7.42 -10.93
C GLY A 344 -22.74 7.60 -9.44
N THR A 345 -22.16 6.76 -8.61
CA THR A 345 -22.23 7.00 -7.17
C THR A 345 -20.86 7.31 -6.58
N ALA A 346 -20.84 8.28 -5.68
CA ALA A 346 -19.68 8.72 -4.94
C ALA A 346 -19.71 7.96 -3.62
N TYR A 347 -18.58 7.38 -3.25
CA TYR A 347 -18.58 6.59 -2.04
C TYR A 347 -18.65 7.51 -0.84
N GLU A 348 -19.50 7.19 0.11
CA GLU A 348 -19.51 7.90 1.38
C GLU A 348 -19.64 6.80 2.45
N SER A 349 -18.90 6.84 3.49
CA SER A 349 -18.87 5.84 4.55
C SER A 349 -20.12 5.78 5.41
N PRO A 350 -20.74 4.61 5.52
CA PRO A 350 -21.95 4.36 6.30
C PRO A 350 -21.67 4.48 7.79
N SER A 351 -22.71 4.69 8.62
CA SER A 351 -22.43 4.77 10.05
C SER A 351 -22.27 3.37 10.63
N VAL A 352 -22.81 2.36 9.97
CA VAL A 352 -22.61 0.99 10.46
C VAL A 352 -21.75 0.28 9.39
N PRO A 353 -20.60 -0.20 9.82
CA PRO A 353 -19.66 -0.88 8.95
C PRO A 353 -20.34 -2.08 8.31
N THR A 354 -20.09 -2.29 7.04
CA THR A 354 -20.66 -3.42 6.31
C THR A 354 -20.60 -4.74 7.05
N LEU A 355 -19.48 -5.15 7.66
CA LEU A 355 -19.45 -6.43 8.35
C LEU A 355 -20.50 -6.48 9.48
N LEU A 356 -20.64 -5.38 10.23
CA LEU A 356 -21.65 -5.29 11.28
C LEU A 356 -23.04 -5.28 10.66
N GLN A 357 -23.30 -4.68 9.51
CA GLN A 357 -24.60 -4.83 8.87
C GLN A 357 -24.90 -6.29 8.52
N ILE A 358 -23.93 -7.03 8.00
CA ILE A 358 -24.13 -8.42 7.68
C ILE A 358 -24.36 -9.26 8.94
N MET A 359 -23.61 -9.06 10.00
CA MET A 359 -23.78 -9.84 11.22
C MET A 359 -25.14 -9.55 11.86
N SER A 360 -25.72 -8.39 11.57
CA SER A 360 -26.98 -7.96 12.13
C SER A 360 -28.21 -8.43 11.38
N GLY A 361 -28.03 -9.17 10.28
CA GLY A 361 -29.17 -9.64 9.54
C GLY A 361 -29.24 -9.33 8.07
N ALA A 362 -28.39 -8.47 7.52
CA ALA A 362 -28.55 -8.20 6.07
C ALA A 362 -28.38 -9.49 5.28
N GLN A 363 -29.20 -9.74 4.29
CA GLN A 363 -29.17 -10.95 3.49
C GLN A 363 -28.74 -10.71 2.06
N SER A 364 -28.74 -9.45 1.62
CA SER A 364 -28.37 -9.19 0.23
C SER A 364 -27.82 -7.78 0.08
N ALA A 365 -27.24 -7.51 -1.10
CA ALA A 365 -26.71 -6.19 -1.37
C ALA A 365 -27.81 -5.13 -1.23
N ASN A 366 -29.05 -5.39 -1.60
CA ASN A 366 -30.15 -4.47 -1.45
C ASN A 366 -30.37 -3.94 -0.05
N ASP A 367 -29.99 -4.65 1.00
CA ASP A 367 -30.11 -4.27 2.37
C ASP A 367 -28.87 -3.55 2.90
N LEU A 368 -27.83 -3.47 2.07
CA LEU A 368 -26.59 -2.88 2.58
C LEU A 368 -26.47 -1.41 2.21
N LEU A 369 -25.87 -0.69 3.13
CA LEU A 369 -25.55 0.72 2.98
C LEU A 369 -24.05 0.85 2.80
N PRO A 370 -23.61 1.80 2.01
CA PRO A 370 -24.48 2.77 1.36
C PRO A 370 -25.06 2.33 0.04
N ALA A 371 -26.32 2.67 -0.23
CA ALA A 371 -26.92 2.30 -1.51
C ALA A 371 -26.12 2.78 -2.71
N GLY A 372 -25.91 1.96 -3.72
CA GLY A 372 -25.25 2.31 -4.95
C GLY A 372 -23.75 2.10 -4.95
N SER A 373 -23.16 1.75 -3.83
CA SER A 373 -21.72 1.50 -3.75
C SER A 373 -21.38 0.05 -3.42
N VAL A 374 -22.39 -0.81 -3.28
CA VAL A 374 -22.16 -2.17 -2.77
C VAL A 374 -22.50 -3.20 -3.82
N TYR A 375 -21.55 -4.08 -4.16
CA TYR A 375 -21.79 -5.09 -5.19
C TYR A 375 -21.59 -6.46 -4.56
N GLU A 376 -22.59 -7.29 -4.77
CA GLU A 376 -22.62 -8.64 -4.26
C GLU A 376 -21.82 -9.58 -5.15
N LEU A 377 -21.10 -10.53 -4.53
CA LEU A 377 -20.38 -11.53 -5.36
C LEU A 377 -20.78 -12.89 -4.83
N PRO A 378 -21.01 -13.84 -5.72
CA PRO A 378 -21.35 -15.20 -5.38
C PRO A 378 -20.10 -15.94 -4.90
N ARG A 379 -20.27 -17.12 -4.32
CA ARG A 379 -19.20 -17.94 -3.78
C ARG A 379 -18.44 -18.76 -4.80
N ASN A 380 -17.13 -18.84 -4.63
CA ASN A 380 -16.30 -19.70 -5.46
C ASN A 380 -16.58 -19.56 -6.94
N GLN A 381 -16.52 -18.33 -7.47
CA GLN A 381 -16.71 -18.16 -8.90
C GLN A 381 -15.52 -17.35 -9.41
N VAL A 382 -15.33 -17.39 -10.70
CA VAL A 382 -14.30 -16.59 -11.35
C VAL A 382 -14.84 -15.20 -11.70
N VAL A 383 -14.21 -14.16 -11.14
CA VAL A 383 -14.65 -12.82 -11.55
C VAL A 383 -13.63 -12.09 -12.41
N GLU A 384 -14.16 -11.39 -13.43
CA GLU A 384 -13.36 -10.53 -14.28
C GLU A 384 -13.89 -9.10 -14.12
N LEU A 385 -13.10 -8.18 -13.63
CA LEU A 385 -13.42 -6.77 -13.53
C LEU A 385 -12.68 -5.98 -14.60
N VAL A 386 -13.33 -5.08 -15.33
CA VAL A 386 -12.68 -4.22 -16.33
C VAL A 386 -12.87 -2.77 -15.90
N VAL A 387 -11.82 -1.96 -15.70
CA VAL A 387 -11.94 -0.57 -15.23
C VAL A 387 -11.15 0.42 -16.13
N PRO A 388 -11.77 0.85 -17.23
CA PRO A 388 -11.17 1.71 -18.25
C PRO A 388 -10.68 3.03 -17.67
N ALA A 389 -9.48 3.41 -18.07
CA ALA A 389 -8.97 4.69 -17.56
C ALA A 389 -9.61 5.80 -18.40
N GLY A 390 -9.41 7.03 -17.97
CA GLY A 390 -9.93 8.21 -18.69
C GLY A 390 -10.15 9.35 -17.70
N VAL A 391 -10.73 9.06 -16.55
CA VAL A 391 -11.06 10.05 -15.55
C VAL A 391 -9.84 10.78 -15.05
N LEU A 392 -10.06 12.08 -14.81
CA LEU A 392 -8.99 12.99 -14.43
C LEU A 392 -8.32 12.58 -13.13
N GLY A 393 -7.10 13.11 -12.95
CA GLY A 393 -6.34 12.86 -11.75
C GLY A 393 -5.55 11.56 -11.78
N GLY A 394 -5.45 10.88 -12.91
CA GLY A 394 -4.75 9.60 -12.98
C GLY A 394 -3.25 9.76 -13.15
N PRO A 395 -2.55 8.63 -13.23
CA PRO A 395 -3.12 7.32 -13.25
C PRO A 395 -3.52 6.89 -11.85
N HIS A 396 -4.69 6.25 -11.78
CA HIS A 396 -5.29 5.80 -10.53
C HIS A 396 -4.91 4.33 -10.27
N PRO A 397 -4.27 4.13 -9.14
CA PRO A 397 -3.80 2.81 -8.73
C PRO A 397 -4.90 2.20 -7.84
N PHE A 398 -5.65 1.24 -8.38
CA PHE A 398 -6.70 0.65 -7.57
C PHE A 398 -6.16 -0.57 -6.81
N HIS A 399 -6.72 -0.78 -5.64
CA HIS A 399 -6.40 -1.92 -4.83
C HIS A 399 -7.64 -2.66 -4.33
N LEU A 400 -7.47 -3.96 -4.18
CA LEU A 400 -8.54 -4.82 -3.73
C LEU A 400 -8.14 -5.47 -2.40
N HIS A 401 -8.91 -5.33 -1.36
CA HIS A 401 -8.72 -5.96 -0.09
C HIS A 401 -9.16 -7.43 -0.22
N GLY A 402 -8.55 -8.30 0.59
CA GLY A 402 -8.96 -9.68 0.63
C GLY A 402 -8.40 -10.61 -0.43
N HIS A 403 -7.85 -10.14 -1.53
CA HIS A 403 -7.45 -10.93 -2.65
C HIS A 403 -6.20 -10.42 -3.37
N ALA A 404 -5.47 -11.25 -4.09
CA ALA A 404 -4.46 -10.84 -5.03
C ALA A 404 -5.14 -11.15 -6.37
N PHE A 405 -4.91 -10.51 -7.49
CA PHE A 405 -5.65 -10.82 -8.71
C PHE A 405 -4.65 -11.00 -9.86
N SER A 406 -5.04 -11.68 -10.91
CA SER A 406 -4.19 -11.79 -12.08
C SER A 406 -4.51 -10.57 -12.95
N VAL A 407 -3.45 -9.96 -13.46
CA VAL A 407 -3.66 -8.84 -14.38
C VAL A 407 -3.52 -9.42 -15.78
N VAL A 408 -4.62 -9.87 -16.33
CA VAL A 408 -4.74 -10.43 -17.65
C VAL A 408 -4.52 -9.36 -18.72
N ARG A 409 -4.74 -8.10 -18.39
CA ARG A 409 -4.48 -7.03 -19.36
C ARG A 409 -4.03 -5.81 -18.57
N SER A 410 -2.80 -5.43 -18.83
CA SER A 410 -2.15 -4.32 -18.15
C SER A 410 -2.33 -2.99 -18.90
N ALA A 411 -1.99 -1.92 -18.18
CA ALA A 411 -2.01 -0.59 -18.74
C ALA A 411 -0.92 -0.52 -19.80
N GLY A 412 -1.30 0.15 -20.91
CA GLY A 412 -0.39 0.35 -22.03
C GLY A 412 -0.31 -0.91 -22.88
N SER A 413 -1.11 -1.93 -22.65
CA SER A 413 -1.05 -3.13 -23.46
C SER A 413 -2.41 -3.40 -24.05
N SER A 414 -2.51 -3.87 -25.28
CA SER A 414 -3.82 -4.20 -25.83
C SER A 414 -3.96 -5.71 -25.98
N THR A 415 -3.10 -6.46 -25.31
CA THR A 415 -3.09 -7.91 -25.41
C THR A 415 -3.49 -8.54 -24.07
N TYR A 416 -4.00 -9.74 -24.08
CA TYR A 416 -4.45 -10.42 -22.87
C TYR A 416 -3.53 -11.59 -22.54
N ASN A 417 -3.19 -11.81 -21.29
CA ASN A 417 -2.37 -12.99 -21.02
C ASN A 417 -3.09 -13.81 -19.94
N PHE A 418 -3.60 -14.97 -20.34
CA PHE A 418 -4.24 -15.84 -19.36
C PHE A 418 -3.30 -16.97 -18.95
N VAL A 419 -2.16 -17.13 -19.61
CA VAL A 419 -1.33 -18.31 -19.30
C VAL A 419 -0.46 -18.08 -18.09
N ASN A 420 0.09 -16.89 -18.06
CA ASN A 420 1.13 -16.44 -17.21
C ASN A 420 1.19 -15.08 -16.56
N PRO A 421 0.08 -14.40 -16.40
CA PRO A 421 0.06 -12.99 -16.01
C PRO A 421 0.57 -12.77 -14.63
N VAL A 422 1.17 -11.62 -14.38
CA VAL A 422 1.59 -11.25 -13.02
C VAL A 422 0.34 -11.29 -12.16
N LYS A 423 0.49 -11.54 -10.88
CA LYS A 423 -0.55 -11.48 -9.89
C LYS A 423 -0.16 -10.38 -8.89
N ARG A 424 -1.08 -9.48 -8.57
CA ARG A 424 -0.69 -8.40 -7.65
C ARG A 424 -1.92 -7.93 -6.86
N ASP A 425 -1.74 -6.88 -6.09
CA ASP A 425 -2.88 -6.39 -5.29
C ASP A 425 -3.10 -4.89 -5.44
N VAL A 426 -2.26 -4.16 -6.18
CA VAL A 426 -2.40 -2.77 -6.53
C VAL A 426 -2.03 -2.59 -8.02
N VAL A 427 -2.98 -2.12 -8.84
CA VAL A 427 -2.69 -1.96 -10.25
C VAL A 427 -3.05 -0.57 -10.77
N SER A 428 -2.17 -0.01 -11.61
CA SER A 428 -2.41 1.26 -12.25
C SER A 428 -3.41 1.02 -13.38
N LEU A 429 -4.42 1.87 -13.47
CA LEU A 429 -5.41 1.79 -14.54
C LEU A 429 -4.94 2.49 -15.82
N GLY A 430 -3.82 3.19 -15.75
CA GLY A 430 -3.24 3.77 -16.96
C GLY A 430 -3.90 5.10 -17.35
N VAL A 431 -3.98 5.31 -18.64
CA VAL A 431 -4.44 6.52 -19.30
C VAL A 431 -5.56 6.19 -20.28
N THR A 432 -6.12 7.24 -20.86
CA THR A 432 -7.20 7.13 -21.85
C THR A 432 -6.85 6.10 -22.90
N GLY A 433 -7.75 5.16 -23.16
CA GLY A 433 -7.47 4.08 -24.12
C GLY A 433 -7.16 2.77 -23.39
N ASP A 434 -6.64 2.79 -22.17
CA ASP A 434 -6.35 1.55 -21.45
C ASP A 434 -7.61 0.84 -20.95
N GLU A 435 -7.53 -0.48 -20.86
CA GLU A 435 -8.69 -1.25 -20.36
C GLU A 435 -8.18 -2.39 -19.48
N VAL A 436 -7.62 -1.98 -18.35
CA VAL A 436 -7.06 -2.88 -17.37
C VAL A 436 -8.14 -3.87 -16.90
N THR A 437 -7.82 -5.14 -17.04
CA THR A 437 -8.71 -6.25 -16.74
C THR A 437 -8.04 -7.20 -15.77
N ILE A 438 -8.69 -7.46 -14.66
CA ILE A 438 -8.12 -8.31 -13.62
C ILE A 438 -9.03 -9.49 -13.37
N ARG A 439 -8.51 -10.60 -12.84
CA ARG A 439 -9.35 -11.74 -12.49
C ARG A 439 -9.04 -12.28 -11.11
N PHE A 440 -10.06 -12.78 -10.41
CA PHE A 440 -9.83 -13.39 -9.10
C PHE A 440 -10.96 -14.39 -8.83
N VAL A 441 -10.77 -15.26 -7.86
CA VAL A 441 -11.77 -16.23 -7.48
C VAL A 441 -12.36 -15.79 -6.14
N THR A 442 -13.68 -15.90 -6.02
CA THR A 442 -14.35 -15.49 -4.78
C THR A 442 -14.36 -16.56 -3.72
N ASP A 443 -13.20 -16.72 -3.09
CA ASP A 443 -12.97 -17.73 -2.08
C ASP A 443 -12.78 -17.13 -0.71
N ASN A 444 -13.30 -15.94 -0.44
CA ASN A 444 -13.02 -15.30 0.85
C ASN A 444 -14.25 -14.51 1.30
N PRO A 445 -15.14 -15.20 2.00
CA PRO A 445 -16.42 -14.68 2.49
C PRO A 445 -16.26 -13.41 3.31
N GLY A 446 -16.91 -12.31 2.88
CA GLY A 446 -16.78 -11.06 3.67
C GLY A 446 -16.82 -9.85 2.74
N PRO A 447 -17.05 -8.69 3.31
CA PRO A 447 -17.12 -7.41 2.65
C PRO A 447 -15.70 -6.86 2.47
N TRP A 448 -15.30 -6.58 1.25
CA TRP A 448 -13.95 -6.10 0.97
C TRP A 448 -13.91 -4.79 0.17
N PHE A 449 -13.07 -3.86 0.57
CA PHE A 449 -12.95 -2.59 -0.17
C PHE A 449 -12.22 -2.75 -1.50
N PHE A 450 -12.66 -2.02 -2.52
CA PHE A 450 -12.05 -1.91 -3.81
C PHE A 450 -11.94 -0.41 -4.14
N HIS A 451 -10.78 0.20 -4.14
CA HIS A 451 -10.74 1.67 -4.28
C HIS A 451 -9.40 2.20 -4.74
N CYS A 452 -9.43 3.44 -5.22
CA CYS A 452 -8.20 4.06 -5.63
C CYS A 452 -7.34 4.27 -4.37
N HIS A 453 -6.04 3.98 -4.48
CA HIS A 453 -5.21 4.10 -3.29
C HIS A 453 -4.55 5.47 -3.15
N ILE A 454 -4.83 6.40 -4.05
CA ILE A 454 -4.43 7.80 -3.82
C ILE A 454 -5.43 8.26 -2.75
N GLU A 455 -4.97 8.48 -1.51
CA GLU A 455 -5.85 8.82 -0.42
C GLU A 455 -6.70 10.06 -0.69
N PHE A 456 -6.23 11.06 -1.41
CA PHE A 456 -7.06 12.20 -1.73
C PHE A 456 -8.19 11.80 -2.66
N HIS A 457 -8.11 10.69 -3.38
CA HIS A 457 -9.21 10.31 -4.25
C HIS A 457 -10.23 9.45 -3.48
N LEU A 458 -9.73 8.55 -2.63
CA LEU A 458 -10.56 7.74 -1.77
C LEU A 458 -11.52 8.63 -0.97
N MET A 459 -10.96 9.62 -0.26
CA MET A 459 -11.73 10.55 0.54
C MET A 459 -12.68 11.37 -0.34
N ASN A 460 -12.53 11.52 -1.64
CA ASN A 460 -13.50 12.21 -2.48
C ASN A 460 -14.37 11.27 -3.30
N GLY A 461 -14.58 10.04 -2.81
CA GLY A 461 -15.50 9.12 -3.41
C GLY A 461 -15.10 8.00 -4.33
N LEU A 462 -13.82 7.82 -4.65
CA LEU A 462 -13.47 6.76 -5.62
C LEU A 462 -13.31 5.38 -4.96
N ALA A 463 -14.42 4.74 -4.57
CA ALA A 463 -14.41 3.47 -3.86
C ALA A 463 -15.74 2.72 -4.03
N ILE A 464 -15.69 1.40 -3.98
CA ILE A 464 -16.85 0.55 -3.94
C ILE A 464 -16.57 -0.61 -2.95
N VAL A 465 -17.64 -1.27 -2.54
CA VAL A 465 -17.57 -2.40 -1.62
C VAL A 465 -18.16 -3.67 -2.24
N PHE A 466 -17.36 -4.75 -2.12
CA PHE A 466 -17.85 -6.05 -2.59
C PHE A 466 -18.31 -6.87 -1.37
N ALA A 467 -19.57 -7.25 -1.39
CA ALA A 467 -20.09 -8.11 -0.26
C ALA A 467 -19.93 -9.54 -0.81
N GLU A 468 -18.79 -10.20 -0.55
CA GLU A 468 -18.52 -11.49 -1.22
C GLU A 468 -19.10 -12.67 -0.43
N ASP A 469 -19.86 -13.57 -1.03
CA ASP A 469 -20.38 -14.74 -0.36
C ASP A 469 -21.09 -14.40 0.95
N MET A 470 -22.19 -13.68 0.89
CA MET A 470 -22.85 -13.19 2.09
C MET A 470 -23.41 -14.34 2.93
N ALA A 471 -23.89 -15.40 2.28
CA ALA A 471 -24.43 -16.52 3.01
C ALA A 471 -23.40 -17.17 3.93
N ASN A 472 -22.11 -17.15 3.64
CA ASN A 472 -21.14 -17.81 4.52
C ASN A 472 -20.32 -16.85 5.37
N THR A 473 -20.66 -15.56 5.33
CA THR A 473 -19.84 -14.58 6.05
C THR A 473 -19.91 -14.69 7.56
N VAL A 474 -21.10 -14.98 8.14
CA VAL A 474 -21.17 -15.11 9.60
C VAL A 474 -20.42 -16.35 10.07
N ASP A 475 -20.59 -17.47 9.38
CA ASP A 475 -19.88 -18.70 9.77
C ASP A 475 -18.38 -18.53 9.61
N ALA A 476 -17.89 -17.93 8.53
CA ALA A 476 -16.45 -17.82 8.31
C ALA A 476 -15.73 -16.84 9.21
N ASN A 477 -16.36 -15.79 9.69
CA ASN A 477 -15.66 -14.77 10.48
C ASN A 477 -16.22 -14.72 11.88
N ASN A 478 -15.44 -14.82 12.95
CA ASN A 478 -16.09 -14.66 14.25
C ASN A 478 -15.22 -13.74 15.08
N PRO A 479 -15.62 -12.48 15.01
CA PRO A 479 -14.96 -11.37 15.67
C PRO A 479 -15.10 -11.54 17.17
N PRO A 480 -14.12 -11.06 17.89
CA PRO A 480 -14.12 -11.05 19.35
C PRO A 480 -15.22 -10.10 19.81
N VAL A 481 -15.60 -10.14 21.09
CA VAL A 481 -16.67 -9.25 21.56
C VAL A 481 -16.19 -7.81 21.55
N GLU A 482 -14.88 -7.59 21.74
CA GLU A 482 -14.35 -6.23 21.66
C GLU A 482 -14.56 -5.58 20.29
N TRP A 483 -14.61 -6.37 19.21
CA TRP A 483 -14.75 -5.81 17.89
C TRP A 483 -16.06 -5.02 17.79
N ALA A 484 -17.16 -5.60 18.24
CA ALA A 484 -18.46 -4.93 18.11
C ALA A 484 -18.55 -3.71 19.04
N GLN A 485 -17.85 -3.66 20.15
CA GLN A 485 -17.78 -2.56 21.06
C GLN A 485 -17.09 -1.32 20.54
N LEU A 486 -16.25 -1.46 19.51
CA LEU A 486 -15.57 -0.32 18.92
C LEU A 486 -16.61 0.72 18.49
N CYS A 487 -17.65 0.27 17.80
CA CYS A 487 -18.70 1.14 17.32
C CYS A 487 -19.45 1.85 18.45
N GLU A 488 -19.69 1.16 19.55
CA GLU A 488 -20.43 1.79 20.65
C GLU A 488 -19.58 2.89 21.26
N ILE A 489 -18.33 2.57 21.55
CA ILE A 489 -17.40 3.54 22.09
C ILE A 489 -17.21 4.75 21.18
N TYR A 490 -17.06 4.53 19.89
CA TYR A 490 -16.81 5.58 18.92
C TYR A 490 -17.99 6.49 18.69
N ASP A 491 -19.19 5.93 18.63
CA ASP A 491 -20.38 6.76 18.44
C ASP A 491 -20.66 7.66 19.65
N ASP A 492 -20.22 7.31 20.84
CA ASP A 492 -20.35 8.02 22.07
C ASP A 492 -19.27 9.05 22.38
N LEU A 493 -18.28 9.18 21.51
CA LEU A 493 -17.21 10.15 21.73
C LEU A 493 -17.78 11.56 21.80
N PRO A 494 -17.20 12.37 22.64
CA PRO A 494 -17.51 13.79 22.76
C PRO A 494 -16.82 14.53 21.63
N PRO A 495 -17.42 15.61 21.15
CA PRO A 495 -16.93 16.42 20.06
C PRO A 495 -15.49 16.89 20.17
N GLU A 496 -15.00 17.15 21.38
CA GLU A 496 -13.62 17.59 21.59
C GLU A 496 -12.63 16.46 21.27
N ALA A 497 -13.10 15.22 21.37
CA ALA A 497 -12.29 14.05 21.13
C ALA A 497 -11.93 13.82 19.68
N THR A 498 -12.80 14.17 18.74
CA THR A 498 -12.55 13.97 17.33
C THR A 498 -12.33 15.24 16.53
N SER A 499 -12.25 16.37 17.23
CA SER A 499 -12.10 17.67 16.56
C SER A 499 -10.73 17.92 15.96
N ILE A 500 -10.72 18.41 14.72
CA ILE A 500 -9.50 18.67 13.98
C ILE A 500 -9.06 20.13 14.05
N GLN A 501 -7.96 20.39 14.76
CA GLN A 501 -7.38 21.73 14.82
C GLN A 501 -6.55 22.00 13.57
N THR A 502 -6.98 22.98 12.79
CA THR A 502 -6.30 23.39 11.57
C THR A 502 -5.08 24.25 11.85
N VAL A 503 -4.14 24.26 10.92
CA VAL A 503 -2.93 25.04 11.01
C VAL A 503 -2.74 25.74 9.66
N VAL A 504 -2.13 26.93 9.65
CA VAL A 504 -1.87 27.61 8.38
C VAL A 504 -0.36 27.71 8.19
C1 NAG B . -21.84 0.55 -15.01
C2 NAG B . -22.16 -0.89 -15.31
C3 NAG B . -21.75 -1.34 -16.67
C4 NAG B . -22.22 -0.27 -17.70
C5 NAG B . -21.49 1.05 -17.34
C6 NAG B . -21.84 2.15 -18.31
C7 NAG B . -22.17 -2.15 -13.19
C8 NAG B . -21.46 -3.05 -12.26
N2 NAG B . -21.49 -1.71 -14.27
O3 NAG B . -22.41 -2.57 -16.90
O4 NAG B . -21.82 -0.64 -19.01
O5 NAG B . -21.96 1.47 -16.08
O6 NAG B . -23.22 2.34 -18.32
O7 NAG B . -23.27 -1.83 -13.04
C1 PYE C . -10.59 20.70 18.51
C2 PYE C . -9.23 20.99 19.16
C3 PYE C . -9.35 20.45 20.59
C4 PYE C . -10.53 21.04 21.35
C5 PYE C . -11.78 21.28 20.54
O5 PYE C . -11.52 21.57 19.16
CU CU D . -7.22 8.00 -8.02
CU CU E . -7.64 -0.03 1.12
CU CU F . -2.72 -0.11 1.49
O O G . -5.69 0.80 1.32
#